data_7E7A
#
_entry.id   7E7A
#
_cell.length_a   83.316
_cell.length_b   88.258
_cell.length_c   167.008
_cell.angle_alpha   90.000
_cell.angle_beta   90.000
_cell.angle_gamma   90.000
#
_symmetry.space_group_name_H-M   'P 21 21 21'
#
loop_
_entity.id
_entity.type
_entity.pdbx_description
1 polymer 'Protein ENL'
2 water water
#
_entity_poly.entity_id   1
_entity_poly.type   'polypeptide(L)'
_entity_poly.pdbx_seq_one_letter_code
;GSHMDNQCTVQVRLELGHRAQLRKKPTTEGFTHDWMVFVRGPEQCDIQHFVEKVVFWLHDSFPKPRRVCKEPPYKVEESG
YAGFIMPIEVHFKNKEEPRKVCFTYDLFLNLEGKVNHLRCEKLTFNNPTTEFRYKLLRAGGVMVMPEGAHHHHHH
;
_entity_poly.pdbx_strand_id   A,B,C,D
#
# COMPACT_ATOMS: atom_id res chain seq x y z
N CYS A 8 17.21 14.20 -34.48
CA CYS A 8 15.90 13.57 -34.42
C CYS A 8 15.66 12.87 -33.10
N THR A 9 14.63 13.29 -32.36
CA THR A 9 14.31 12.70 -31.07
C THR A 9 12.80 12.62 -30.91
N VAL A 10 12.30 11.42 -30.67
CA VAL A 10 10.86 11.19 -30.51
C VAL A 10 10.60 10.72 -29.09
N GLN A 11 9.62 11.34 -28.44
CA GLN A 11 9.20 10.98 -27.10
C GLN A 11 7.80 10.38 -27.16
N VAL A 12 7.58 9.33 -26.37
CA VAL A 12 6.31 8.62 -26.36
C VAL A 12 5.96 8.30 -24.92
N ARG A 13 4.67 8.28 -24.62
CA ARG A 13 4.18 8.19 -23.25
C ARG A 13 3.59 6.82 -22.98
N LEU A 14 4.00 6.22 -21.87
CA LEU A 14 3.42 4.98 -21.38
C LEU A 14 2.67 5.24 -20.08
N GLU A 15 1.65 4.44 -19.84
CA GLU A 15 0.91 4.47 -18.59
C GLU A 15 0.98 3.09 -17.95
N LEU A 16 1.62 3.03 -16.79
CA LEU A 16 1.58 1.86 -15.91
C LEU A 16 0.55 2.12 -14.83
N GLY A 17 -0.19 1.09 -14.44
CA GLY A 17 -1.17 1.29 -13.39
C GLY A 17 -1.70 -0.04 -12.90
N HIS A 18 -2.48 0.04 -11.82
CA HIS A 18 -3.12 -1.15 -11.31
C HIS A 18 -4.38 -0.77 -10.56
N ARG A 19 -5.29 -1.72 -10.49
CA ARG A 19 -6.48 -1.62 -9.65
C ARG A 19 -6.54 -2.85 -8.76
N ALA A 20 -6.95 -2.63 -7.51
CA ALA A 20 -7.04 -3.70 -6.53
C ALA A 20 -8.29 -3.50 -5.71
N GLN A 21 -9.05 -4.57 -5.52
CA GLN A 21 -10.28 -4.50 -4.75
C GLN A 21 -10.29 -5.60 -3.70
N LEU A 22 -10.85 -5.28 -2.54
CA LEU A 22 -11.09 -6.27 -1.50
C LEU A 22 -12.23 -7.18 -1.94
N ARG A 23 -12.07 -8.48 -1.76
CA ARG A 23 -13.12 -9.40 -2.21
C ARG A 23 -14.21 -9.53 -1.16
N LYS A 24 -15.46 -9.54 -1.63
CA LYS A 24 -16.62 -9.83 -0.79
C LYS A 24 -16.34 -10.98 0.17
N LYS A 25 -15.90 -12.13 -0.36
CA LYS A 25 -15.45 -13.27 0.43
C LYS A 25 -14.17 -13.81 -0.20
N PRO A 26 -13.22 -14.24 0.62
CA PRO A 26 -11.92 -14.67 0.09
C PRO A 26 -12.00 -15.95 -0.70
N THR A 27 -10.86 -16.32 -1.28
CA THR A 27 -10.67 -17.58 -1.98
C THR A 27 -10.35 -18.71 -1.01
N THR A 28 -10.33 -19.91 -1.56
CA THR A 28 -10.01 -21.12 -0.81
C THR A 28 -8.64 -21.05 -0.13
N GLU A 29 -7.66 -20.38 -0.75
CA GLU A 29 -6.33 -20.23 -0.21
C GLU A 29 -6.22 -19.07 0.77
N GLY A 30 -7.32 -18.38 1.03
CA GLY A 30 -7.25 -17.16 1.81
C GLY A 30 -6.71 -15.97 1.05
N PHE A 31 -7.02 -15.85 -0.24
CA PHE A 31 -6.68 -14.65 -1.00
C PHE A 31 -7.77 -13.61 -0.78
N THR A 32 -7.38 -12.46 -0.26
CA THR A 32 -8.31 -11.44 0.18
C THR A 32 -8.57 -10.39 -0.88
N HIS A 33 -7.75 -10.31 -1.92
CA HIS A 33 -7.79 -9.22 -2.87
C HIS A 33 -7.79 -9.77 -4.29
N ASP A 34 -8.49 -9.06 -5.18
CA ASP A 34 -8.33 -9.22 -6.61
C ASP A 34 -7.64 -7.98 -7.15
N TRP A 35 -6.65 -8.16 -8.02
CA TRP A 35 -5.96 -7.01 -8.59
C TRP A 35 -5.64 -7.26 -10.05
N MET A 36 -5.33 -6.16 -10.73
CA MET A 36 -4.97 -6.18 -12.14
C MET A 36 -3.94 -5.09 -12.38
N VAL A 37 -2.86 -5.43 -13.07
CA VAL A 37 -1.79 -4.50 -13.40
C VAL A 37 -1.66 -4.44 -14.91
N PHE A 38 -1.36 -3.25 -15.44
CA PHE A 38 -1.43 -3.07 -16.88
C PHE A 38 -0.39 -2.06 -17.34
N VAL A 39 -0.05 -2.18 -18.62
CA VAL A 39 0.69 -1.18 -19.37
C VAL A 39 -0.15 -0.79 -20.57
N ARG A 40 -0.45 0.49 -20.69
CA ARG A 40 -1.27 0.99 -21.78
C ARG A 40 -0.73 2.35 -22.21
N GLY A 41 -1.14 2.77 -23.40
CA GLY A 41 -0.90 4.13 -23.83
C GLY A 41 -1.95 5.07 -23.29
N PRO A 42 -1.64 6.36 -23.33
CA PRO A 42 -2.64 7.37 -22.95
C PRO A 42 -3.74 7.45 -23.99
N GLU A 43 -4.86 8.06 -23.60
CA GLU A 43 -6.10 8.08 -24.37
C GLU A 43 -5.86 8.14 -25.87
N GLN A 44 -6.38 7.13 -26.58
CA GLN A 44 -6.32 6.96 -28.04
C GLN A 44 -4.91 6.80 -28.59
N CYS A 45 -3.98 6.22 -27.81
CA CYS A 45 -2.66 5.82 -28.28
C CYS A 45 -2.53 4.32 -28.12
N ASP A 46 -2.37 3.60 -29.23
CA ASP A 46 -2.14 2.16 -29.21
C ASP A 46 -0.64 1.91 -29.20
N ILE A 47 -0.11 1.52 -28.05
CA ILE A 47 1.33 1.26 -27.95
C ILE A 47 1.74 -0.02 -28.64
N GLN A 48 0.79 -0.86 -29.09
CA GLN A 48 1.14 -2.08 -29.80
C GLN A 48 1.99 -1.78 -31.04
N HIS A 49 1.85 -0.58 -31.60
CA HIS A 49 2.55 -0.24 -32.84
C HIS A 49 4.07 -0.30 -32.66
N PHE A 50 4.58 -0.08 -31.45
CA PHE A 50 6.02 -0.19 -31.23
C PHE A 50 6.42 -1.14 -30.11
N VAL A 51 5.47 -1.70 -29.37
CA VAL A 51 5.77 -2.61 -28.26
C VAL A 51 5.64 -4.05 -28.77
N GLU A 52 6.71 -4.83 -28.61
CA GLU A 52 6.67 -6.24 -29.00
C GLU A 52 5.93 -7.08 -27.96
N LYS A 53 6.20 -6.84 -26.69
CA LYS A 53 5.64 -7.64 -25.60
C LYS A 53 5.95 -6.94 -24.29
N VAL A 54 5.13 -7.24 -23.27
CA VAL A 54 5.37 -6.76 -21.91
C VAL A 54 5.59 -7.97 -21.01
N VAL A 55 6.62 -7.90 -20.18
CA VAL A 55 6.99 -8.97 -19.26
C VAL A 55 6.70 -8.49 -17.85
N PHE A 56 5.83 -9.22 -17.15
CA PHE A 56 5.52 -8.95 -15.74
C PHE A 56 6.17 -10.04 -14.89
N TRP A 57 7.10 -9.65 -14.01
CA TRP A 57 7.80 -10.60 -13.15
C TRP A 57 7.07 -10.69 -11.82
N LEU A 58 6.19 -11.68 -11.70
CA LEU A 58 5.44 -11.86 -10.46
C LEU A 58 6.28 -12.55 -9.39
N HIS A 59 5.84 -12.39 -8.16
CA HIS A 59 6.40 -13.00 -6.96
C HIS A 59 6.51 -14.52 -7.08
N ASP A 60 7.38 -15.13 -6.25
CA ASP A 60 7.63 -16.57 -6.34
C ASP A 60 6.38 -17.39 -6.11
N SER A 61 5.55 -16.97 -5.15
CA SER A 61 4.37 -17.73 -4.76
C SER A 61 3.40 -17.95 -5.91
N PHE A 62 3.60 -17.26 -7.04
CA PHE A 62 2.69 -17.41 -8.14
C PHE A 62 3.17 -18.51 -9.08
N PRO A 63 2.25 -19.36 -9.52
CA PRO A 63 2.59 -20.27 -10.61
C PRO A 63 2.99 -19.44 -11.82
N LYS A 64 4.04 -19.88 -12.51
CA LYS A 64 4.40 -19.24 -13.77
C LYS A 64 4.75 -17.77 -13.49
N PRO A 65 5.82 -17.44 -12.73
CA PRO A 65 5.99 -16.04 -12.30
C PRO A 65 6.27 -15.08 -13.44
N ARG A 66 6.85 -15.55 -14.55
CA ARG A 66 7.20 -14.67 -15.67
C ARG A 66 6.05 -14.64 -16.66
N ARG A 67 5.21 -13.60 -16.56
CA ARG A 67 4.00 -13.48 -17.36
C ARG A 67 4.24 -12.55 -18.54
N VAL A 68 4.01 -13.06 -19.75
CA VAL A 68 4.27 -12.32 -20.99
C VAL A 68 2.95 -12.07 -21.70
N CYS A 69 2.75 -10.83 -22.15
CA CYS A 69 1.67 -10.47 -23.06
C CYS A 69 2.28 -9.97 -24.37
N LYS A 70 2.02 -10.68 -25.46
CA LYS A 70 2.55 -10.25 -26.75
C LYS A 70 1.61 -9.32 -27.51
N GLU A 71 0.34 -9.24 -27.15
CA GLU A 71 -0.60 -8.32 -27.75
C GLU A 71 -1.53 -7.76 -26.69
N PRO A 72 -2.14 -6.59 -26.94
CA PRO A 72 -2.98 -5.96 -25.93
C PRO A 72 -4.23 -6.79 -25.65
N PRO A 73 -4.80 -6.67 -24.44
CA PRO A 73 -4.35 -5.80 -23.35
C PRO A 73 -3.13 -6.34 -22.62
N TYR A 74 -2.14 -5.48 -22.42
CA TYR A 74 -0.91 -5.83 -21.71
C TYR A 74 -1.22 -5.80 -20.22
N LYS A 75 -1.62 -6.95 -19.67
CA LYS A 75 -2.19 -6.96 -18.33
C LYS A 75 -1.99 -8.31 -17.65
N VAL A 76 -2.06 -8.29 -16.31
CA VAL A 76 -2.09 -9.49 -15.48
C VAL A 76 -3.18 -9.32 -14.45
N GLU A 77 -4.03 -10.34 -14.30
CA GLU A 77 -5.10 -10.37 -13.31
C GLU A 77 -4.88 -11.55 -12.39
N GLU A 78 -4.72 -11.28 -11.10
CA GLU A 78 -4.56 -12.35 -10.12
C GLU A 78 -5.26 -11.96 -8.83
N SER A 79 -5.23 -12.87 -7.87
CA SER A 79 -5.67 -12.60 -6.51
C SER A 79 -4.53 -12.94 -5.56
N GLY A 80 -4.61 -12.37 -4.37
CA GLY A 80 -3.59 -12.63 -3.37
C GLY A 80 -3.90 -11.84 -2.11
N TYR A 81 -3.02 -12.00 -1.13
CA TYR A 81 -3.24 -11.41 0.18
C TYR A 81 -2.35 -10.21 0.47
N ALA A 82 -1.31 -9.97 -0.32
CA ALA A 82 -0.33 -8.93 0.02
C ALA A 82 0.24 -8.32 -1.24
N GLY A 83 0.63 -7.05 -1.13
CA GLY A 83 1.31 -6.37 -2.22
C GLY A 83 2.77 -6.73 -2.31
N PHE A 84 3.43 -6.24 -3.36
CA PHE A 84 4.83 -6.60 -3.59
C PHE A 84 5.43 -5.72 -4.67
N ILE A 85 6.77 -5.73 -4.72
CA ILE A 85 7.54 -5.06 -5.76
C ILE A 85 7.60 -5.96 -6.99
N MET A 86 7.50 -5.36 -8.17
CA MET A 86 7.37 -6.16 -9.37
C MET A 86 8.10 -5.54 -10.57
N PRO A 87 9.15 -6.18 -11.06
CA PRO A 87 9.80 -5.70 -12.28
C PRO A 87 8.88 -5.86 -13.48
N ILE A 88 8.87 -4.83 -14.33
CA ILE A 88 8.09 -4.83 -15.56
C ILE A 88 9.02 -4.46 -16.71
N GLU A 89 9.00 -5.26 -17.77
CA GLU A 89 9.84 -5.00 -18.95
C GLU A 89 8.96 -4.80 -20.17
N VAL A 90 9.19 -3.69 -20.88
CA VAL A 90 8.51 -3.39 -22.12
C VAL A 90 9.53 -3.54 -23.24
N HIS A 91 9.30 -4.52 -24.12
CA HIS A 91 10.18 -4.74 -25.26
C HIS A 91 9.63 -4.02 -26.49
N PHE A 92 10.54 -3.53 -27.34
CA PHE A 92 10.19 -2.69 -28.47
C PHE A 92 10.33 -3.45 -29.78
N LYS A 93 9.46 -3.10 -30.74
CA LYS A 93 9.55 -3.56 -32.11
C LYS A 93 10.68 -2.81 -32.82
N ASN A 94 11.90 -3.04 -32.34
CA ASN A 94 13.02 -2.18 -32.67
C ASN A 94 14.23 -3.05 -32.94
N LYS A 95 14.85 -2.93 -34.11
CA LYS A 95 16.00 -3.75 -34.46
C LYS A 95 17.33 -3.15 -34.02
N GLU A 96 17.31 -2.16 -33.14
CA GLU A 96 18.52 -1.54 -32.63
C GLU A 96 18.33 -1.22 -31.15
N GLU A 97 19.45 -0.88 -30.50
CA GLU A 97 19.39 -0.48 -29.10
C GLU A 97 18.74 0.90 -28.98
N PRO A 98 17.99 1.15 -27.90
CA PRO A 98 17.60 0.20 -26.86
C PRO A 98 16.45 -0.67 -27.33
N ARG A 99 16.44 -1.93 -26.93
CA ARG A 99 15.40 -2.83 -27.37
C ARG A 99 14.33 -3.06 -26.31
N LYS A 100 14.55 -2.58 -25.09
CA LYS A 100 13.58 -2.71 -24.01
C LYS A 100 13.82 -1.62 -22.98
N VAL A 101 12.88 -1.51 -22.04
CA VAL A 101 12.99 -0.63 -20.88
C VAL A 101 12.34 -1.35 -19.70
N CYS A 102 12.86 -1.10 -18.51
CA CYS A 102 12.38 -1.75 -17.29
C CYS A 102 11.93 -0.71 -16.27
N PHE A 103 10.82 -1.00 -15.60
CA PHE A 103 10.40 -0.27 -14.42
C PHE A 103 10.24 -1.26 -13.27
N THR A 104 10.52 -0.79 -12.06
CA THR A 104 10.18 -1.55 -10.86
C THR A 104 8.87 -0.97 -10.33
N TYR A 105 7.82 -1.80 -10.34
CA TYR A 105 6.48 -1.36 -10.01
C TYR A 105 6.11 -1.85 -8.62
N ASP A 106 5.52 -0.97 -7.81
CA ASP A 106 5.00 -1.35 -6.50
C ASP A 106 3.50 -1.57 -6.63
N LEU A 107 3.09 -2.84 -6.58
CA LEU A 107 1.68 -3.17 -6.53
C LEU A 107 1.26 -3.17 -5.06
N PHE A 108 0.68 -2.08 -4.61
CA PHE A 108 0.24 -1.94 -3.23
C PHE A 108 -1.27 -2.12 -3.14
N LEU A 109 -1.70 -2.74 -2.05
CA LEU A 109 -3.12 -3.00 -1.82
C LEU A 109 -3.68 -2.06 -0.76
N ASN A 110 -4.98 -1.84 -0.84
CA ASN A 110 -5.75 -1.19 0.22
C ASN A 110 -6.46 -2.30 0.98
N LEU A 111 -6.07 -2.49 2.25
CA LEU A 111 -6.68 -3.56 3.04
C LEU A 111 -8.09 -3.22 3.48
N GLU A 112 -8.56 -1.99 3.26
CA GLU A 112 -9.89 -1.58 3.67
C GLU A 112 -10.82 -1.27 2.50
N GLY A 113 -10.35 -1.40 1.27
CA GLY A 113 -11.20 -1.08 0.14
C GLY A 113 -10.55 -1.27 -1.20
N LYS A 114 -10.64 -0.26 -2.05
CA LYS A 114 -10.13 -0.31 -3.40
C LYS A 114 -8.86 0.51 -3.54
N VAL A 115 -8.17 0.29 -4.65
CA VAL A 115 -6.98 1.03 -5.05
C VAL A 115 -7.07 1.24 -6.55
N ASN A 116 -6.99 2.50 -6.99
CA ASN A 116 -6.93 2.83 -8.41
C ASN A 116 -5.72 3.72 -8.60
N HIS A 117 -4.70 3.19 -9.27
CA HIS A 117 -3.42 3.88 -9.36
C HIS A 117 -2.96 3.96 -10.80
N LEU A 118 -2.36 5.10 -11.14
CA LEU A 118 -1.86 5.37 -12.48
C LEU A 118 -0.54 6.09 -12.35
N ARG A 119 0.35 5.83 -13.31
CA ARG A 119 1.71 6.33 -13.25
C ARG A 119 2.19 6.48 -14.68
N CYS A 120 2.62 7.69 -15.06
CA CYS A 120 2.98 8.00 -16.43
C CYS A 120 4.49 8.06 -16.58
N GLU A 121 5.01 7.37 -17.58
CA GLU A 121 6.43 7.33 -17.89
C GLU A 121 6.64 7.77 -19.33
N LYS A 122 7.61 8.64 -19.54
CA LYS A 122 7.89 9.19 -20.88
C LYS A 122 9.20 8.60 -21.37
N LEU A 123 9.13 7.78 -22.41
CA LEU A 123 10.33 7.24 -23.05
C LEU A 123 10.82 8.20 -24.12
N THR A 124 12.14 8.23 -24.31
CA THR A 124 12.80 9.12 -25.26
C THR A 124 13.70 8.28 -26.15
N PHE A 125 13.50 8.37 -27.46
CA PHE A 125 14.28 7.62 -28.44
C PHE A 125 15.13 8.59 -29.25
N ASN A 126 16.43 8.50 -29.08
CA ASN A 126 17.38 9.35 -29.81
C ASN A 126 17.69 8.69 -31.15
N ASN A 127 17.35 9.39 -32.21
CA ASN A 127 17.62 8.98 -33.59
C ASN A 127 17.08 7.59 -33.92
N PRO A 128 15.75 7.42 -33.89
CA PRO A 128 15.13 6.16 -34.36
C PRO A 128 15.32 5.97 -35.85
N THR A 129 15.18 4.72 -36.30
CA THR A 129 15.31 4.42 -37.71
C THR A 129 14.06 4.85 -38.46
N THR A 130 14.09 4.71 -39.79
CA THR A 130 12.91 5.11 -40.58
C THR A 130 11.71 4.26 -40.20
N GLU A 131 11.89 2.93 -40.10
CA GLU A 131 10.72 2.10 -39.76
C GLU A 131 10.35 2.25 -38.29
N PHE A 132 11.31 2.36 -37.38
CA PHE A 132 10.93 2.48 -35.98
C PHE A 132 10.26 3.82 -35.72
N ARG A 133 10.64 4.86 -36.46
CA ARG A 133 10.11 6.19 -36.13
C ARG A 133 8.58 6.33 -36.34
N TYR A 134 7.95 5.61 -37.26
CA TYR A 134 6.47 5.64 -37.26
C TYR A 134 5.87 4.83 -36.17
N LYS A 135 6.43 3.63 -36.00
CA LYS A 135 5.89 2.82 -34.94
C LYS A 135 5.69 3.73 -33.75
N LEU A 136 6.67 4.61 -33.52
CA LEU A 136 6.56 5.65 -32.51
C LEU A 136 5.49 6.67 -32.85
N LEU A 137 5.52 7.25 -34.07
CA LEU A 137 4.54 8.29 -34.37
C LEU A 137 3.13 7.74 -34.53
N ARG A 138 3.01 6.52 -35.10
CA ARG A 138 1.72 5.84 -35.13
C ARG A 138 1.12 5.69 -33.74
N ALA A 139 1.98 5.53 -32.74
CA ALA A 139 1.52 5.27 -31.38
C ALA A 139 1.34 6.56 -30.58
N GLY A 140 1.25 7.71 -31.26
CA GLY A 140 1.13 8.98 -30.58
C GLY A 140 2.44 9.62 -30.20
N GLY A 141 3.57 9.10 -30.69
CA GLY A 141 4.84 9.75 -30.44
C GLY A 141 4.86 11.18 -30.96
N VAL A 142 5.83 11.95 -30.46
CA VAL A 142 5.98 13.36 -30.80
C VAL A 142 7.46 13.66 -30.97
N MET A 143 7.79 14.39 -32.03
CA MET A 143 9.18 14.76 -32.27
C MET A 143 9.55 16.00 -31.46
N VAL A 144 10.84 16.14 -31.20
CA VAL A 144 11.38 17.35 -30.58
C VAL A 144 12.64 17.76 -31.32
N CYS B 8 -38.19 11.92 10.29
CA CYS B 8 -37.08 12.76 9.84
C CYS B 8 -35.76 11.99 9.83
N THR B 9 -35.01 12.13 8.73
CA THR B 9 -33.71 11.49 8.61
C THR B 9 -32.82 12.32 7.70
N VAL B 10 -31.63 12.66 8.18
CA VAL B 10 -30.69 13.49 7.43
C VAL B 10 -29.44 12.69 7.13
N GLN B 11 -29.03 12.70 5.87
CA GLN B 11 -27.74 12.16 5.45
C GLN B 11 -26.78 13.31 5.19
N VAL B 12 -25.50 13.06 5.48
CA VAL B 12 -24.42 14.00 5.22
C VAL B 12 -23.21 13.18 4.80
N ARG B 13 -22.32 13.81 4.05
CA ARG B 13 -21.22 13.10 3.41
C ARG B 13 -19.88 13.48 4.03
N LEU B 14 -19.04 12.47 4.25
CA LEU B 14 -17.68 12.63 4.72
C LEU B 14 -16.71 12.08 3.68
N GLU B 15 -15.55 12.72 3.56
CA GLU B 15 -14.48 12.25 2.71
C GLU B 15 -13.24 12.01 3.58
N LEU B 16 -12.75 10.77 3.55
CA LEU B 16 -11.49 10.40 4.18
C LEU B 16 -10.49 10.14 3.07
N GLY B 17 -9.25 10.59 3.25
CA GLY B 17 -8.26 10.33 2.23
C GLY B 17 -6.86 10.60 2.75
N HIS B 18 -5.89 10.26 1.92
CA HIS B 18 -4.51 10.58 2.26
C HIS B 18 -3.69 10.72 0.99
N ARG B 19 -2.56 11.39 1.14
CA ARG B 19 -1.57 11.50 0.10
C ARG B 19 -0.21 11.20 0.72
N ALA B 20 0.61 10.48 -0.02
CA ALA B 20 1.92 10.09 0.47
C ALA B 20 2.90 10.18 -0.68
N GLN B 21 4.08 10.71 -0.41
CA GLN B 21 5.08 10.89 -1.43
C GLN B 21 6.42 10.39 -0.92
N LEU B 22 7.15 9.71 -1.81
CA LEU B 22 8.55 9.43 -1.60
C LEU B 22 9.32 10.73 -1.43
N ARG B 23 10.15 10.80 -0.39
CA ARG B 23 10.98 11.98 -0.20
C ARG B 23 12.17 11.92 -1.14
N LYS B 24 12.74 13.09 -1.41
CA LYS B 24 13.96 13.12 -2.21
C LYS B 24 15.13 12.55 -1.41
N LYS B 25 15.33 13.04 -0.18
CA LYS B 25 16.35 12.47 0.69
C LYS B 25 15.69 12.06 1.99
N PRO B 26 15.92 10.83 2.46
CA PRO B 26 15.35 10.39 3.74
C PRO B 26 15.70 11.32 4.89
N THR B 27 14.95 11.18 5.98
CA THR B 27 15.28 11.87 7.21
C THR B 27 16.36 11.09 7.97
N THR B 28 16.96 11.75 8.95
CA THR B 28 18.03 11.13 9.72
C THR B 28 17.56 9.90 10.49
N GLU B 29 16.24 9.75 10.69
CA GLU B 29 15.67 8.52 11.24
C GLU B 29 15.40 7.48 10.16
N GLY B 30 15.77 7.76 8.91
CA GLY B 30 15.46 6.84 7.84
C GLY B 30 14.01 6.79 7.46
N PHE B 31 13.29 7.91 7.56
CA PHE B 31 11.92 7.98 7.07
C PHE B 31 11.96 8.28 5.57
N THR B 32 11.34 7.41 4.79
CA THR B 32 11.40 7.51 3.34
C THR B 32 10.24 8.27 2.74
N HIS B 33 9.14 8.42 3.47
CA HIS B 33 7.92 9.01 2.93
C HIS B 33 7.43 10.16 3.79
N ASP B 34 6.76 11.10 3.14
CA ASP B 34 5.93 12.10 3.79
C ASP B 34 4.48 11.79 3.46
N TRP B 35 3.61 11.77 4.47
CA TRP B 35 2.20 11.54 4.20
C TRP B 35 1.33 12.54 4.93
N MET B 36 0.07 12.60 4.50
CA MET B 36 -0.94 13.47 5.07
C MET B 36 -2.27 12.76 4.94
N VAL B 37 -2.98 12.61 6.06
CA VAL B 37 -4.30 11.97 6.08
C VAL B 37 -5.29 12.98 6.64
N PHE B 38 -6.50 12.99 6.08
CA PHE B 38 -7.43 14.07 6.35
C PHE B 38 -8.87 13.55 6.36
N VAL B 39 -9.74 14.35 6.99
CA VAL B 39 -11.18 14.16 6.94
C VAL B 39 -11.81 15.49 6.55
N ARG B 40 -12.60 15.49 5.49
CA ARG B 40 -13.19 16.70 4.96
C ARG B 40 -14.57 16.39 4.41
N GLY B 41 -15.35 17.44 4.20
CA GLY B 41 -16.58 17.30 3.46
C GLY B 41 -16.34 17.36 1.97
N PRO B 42 -17.38 17.08 1.20
CA PRO B 42 -17.34 17.40 -0.22
C PRO B 42 -17.17 18.90 -0.40
N GLU B 43 -16.71 19.30 -1.58
CA GLU B 43 -16.56 20.73 -1.84
C GLU B 43 -17.88 21.43 -1.58
N GLN B 44 -17.79 22.62 -0.97
CA GLN B 44 -18.96 23.42 -0.58
C GLN B 44 -19.69 22.85 0.62
N CYS B 45 -19.00 22.13 1.51
CA CYS B 45 -19.62 21.51 2.68
C CYS B 45 -18.66 21.59 3.85
N ASP B 46 -18.83 22.61 4.70
CA ASP B 46 -18.00 22.74 5.90
C ASP B 46 -18.58 21.85 6.99
N ILE B 47 -18.00 20.66 7.14
CA ILE B 47 -18.44 19.72 8.17
C ILE B 47 -18.25 20.27 9.57
N GLN B 48 -17.44 21.32 9.72
CA GLN B 48 -17.26 21.95 11.03
C GLN B 48 -18.58 22.27 11.70
N HIS B 49 -19.61 22.57 10.90
CA HIS B 49 -20.91 22.91 11.47
C HIS B 49 -21.44 21.82 12.40
N PHE B 50 -21.04 20.57 12.18
CA PHE B 50 -21.52 19.47 12.99
C PHE B 50 -20.42 18.57 13.55
N VAL B 51 -19.15 18.84 13.26
CA VAL B 51 -18.04 18.03 13.75
C VAL B 51 -17.39 18.75 14.93
N GLU B 52 -17.32 18.07 16.07
CA GLU B 52 -16.63 18.64 17.22
C GLU B 52 -15.12 18.53 17.08
N LYS B 53 -14.63 17.36 16.68
CA LYS B 53 -13.20 17.08 16.58
C LYS B 53 -13.02 15.76 15.87
N VAL B 54 -11.85 15.58 15.27
CA VAL B 54 -11.45 14.32 14.66
C VAL B 54 -10.21 13.80 15.38
N VAL B 55 -10.27 12.56 15.84
CA VAL B 55 -9.17 11.92 16.53
C VAL B 55 -8.53 10.91 15.59
N PHE B 56 -7.23 11.05 15.37
CA PHE B 56 -6.43 10.13 14.58
C PHE B 56 -5.57 9.31 15.54
N TRP B 57 -5.72 7.99 15.50
CA TRP B 57 -4.93 7.09 16.35
C TRP B 57 -3.75 6.56 15.55
N LEU B 58 -2.58 7.14 15.76
CA LEU B 58 -1.41 6.70 15.03
C LEU B 58 -0.73 5.52 15.70
N HIS B 59 0.13 4.86 14.93
CA HIS B 59 0.99 3.77 15.40
C HIS B 59 1.74 4.18 16.67
N ASP B 60 2.08 3.18 17.49
CA ASP B 60 2.79 3.45 18.74
C ASP B 60 4.12 4.14 18.50
N SER B 61 4.75 3.89 17.35
CA SER B 61 6.05 4.45 17.03
C SER B 61 6.06 5.97 17.18
N PHE B 62 4.90 6.62 16.99
CA PHE B 62 4.87 8.08 16.88
C PHE B 62 4.74 8.71 18.26
N PRO B 63 5.36 9.88 18.46
CA PRO B 63 5.21 10.66 19.73
C PRO B 63 3.76 11.12 19.90
N LYS B 64 3.18 10.81 21.07
CA LYS B 64 1.79 11.15 21.41
C LYS B 64 0.90 10.70 20.26
N PRO B 65 0.64 9.39 20.15
CA PRO B 65 -0.06 8.88 18.96
C PRO B 65 -1.52 9.27 18.84
N ARG B 66 -2.12 9.86 19.86
CA ARG B 66 -3.53 10.28 19.79
C ARG B 66 -3.58 11.72 19.33
N ARG B 67 -3.78 11.93 18.04
CA ARG B 67 -3.80 13.27 17.46
C ARG B 67 -5.23 13.76 17.33
N VAL B 68 -5.48 14.96 17.86
CA VAL B 68 -6.80 15.58 17.87
C VAL B 68 -6.77 16.86 17.04
N CYS B 69 -7.80 17.04 16.21
CA CYS B 69 -8.04 18.29 15.50
C CYS B 69 -9.43 18.79 15.86
N LYS B 70 -9.49 19.92 16.57
CA LYS B 70 -10.77 20.49 16.94
C LYS B 70 -11.30 21.50 15.93
N GLU B 71 -10.46 21.98 15.01
CA GLU B 71 -10.89 22.91 13.97
C GLU B 71 -10.26 22.53 12.64
N PRO B 72 -10.99 22.72 11.54
CA PRO B 72 -10.43 22.38 10.22
C PRO B 72 -9.16 23.17 9.97
N PRO B 73 -8.24 22.62 9.15
CA PRO B 73 -8.39 21.35 8.43
C PRO B 73 -8.13 20.14 9.33
N TYR B 74 -9.01 19.16 9.23
CA TYR B 74 -8.91 17.94 10.05
C TYR B 74 -7.91 17.02 9.37
N LYS B 75 -6.65 17.13 9.76
CA LYS B 75 -5.56 16.42 9.08
C LYS B 75 -4.46 16.10 10.07
N VAL B 76 -3.57 15.20 9.67
CA VAL B 76 -2.29 15.01 10.34
C VAL B 76 -1.25 14.70 9.29
N GLU B 77 -0.13 15.41 9.35
CA GLU B 77 1.00 15.21 8.45
C GLU B 77 2.18 14.69 9.24
N GLU B 78 2.74 13.59 8.79
CA GLU B 78 3.91 13.01 9.41
C GLU B 78 4.82 12.46 8.33
N SER B 79 5.94 11.90 8.76
CA SER B 79 6.84 11.17 7.87
C SER B 79 7.01 9.77 8.42
N GLY B 80 7.34 8.84 7.54
CA GLY B 80 7.48 7.47 7.96
C GLY B 80 8.04 6.61 6.86
N TYR B 81 8.26 5.34 7.21
CA TYR B 81 8.80 4.36 6.28
C TYR B 81 7.81 3.25 5.95
N ALA B 82 6.71 3.13 6.69
CA ALA B 82 5.76 2.06 6.45
C ALA B 82 4.34 2.57 6.64
N GLY B 83 3.41 1.95 5.91
CA GLY B 83 2.00 2.20 6.12
C GLY B 83 1.46 1.40 7.29
N PHE B 84 0.21 1.68 7.65
CA PHE B 84 -0.33 1.05 8.85
C PHE B 84 -1.84 1.25 8.89
N ILE B 85 -2.49 0.44 9.73
CA ILE B 85 -3.92 0.53 9.97
C ILE B 85 -4.18 1.62 11.01
N MET B 86 -5.18 2.45 10.75
CA MET B 86 -5.35 3.64 11.55
C MET B 86 -6.82 3.89 11.91
N PRO B 87 -7.19 3.73 13.17
CA PRO B 87 -8.54 4.12 13.59
C PRO B 87 -8.70 5.63 13.53
N ILE B 88 -9.83 6.07 13.00
CA ILE B 88 -10.20 7.48 12.97
C ILE B 88 -11.57 7.62 13.62
N GLU B 89 -11.70 8.55 14.56
CA GLU B 89 -12.97 8.86 15.19
C GLU B 89 -13.38 10.29 14.86
N VAL B 90 -14.64 10.46 14.46
CA VAL B 90 -15.22 11.76 14.20
C VAL B 90 -16.28 12.02 15.24
N HIS B 91 -16.08 13.06 16.05
CA HIS B 91 -17.01 13.42 17.11
C HIS B 91 -17.93 14.52 16.64
N PHE B 92 -19.21 14.41 17.00
CA PHE B 92 -20.25 15.31 16.54
C PHE B 92 -20.56 16.36 17.59
N LYS B 93 -20.99 17.54 17.12
CA LYS B 93 -21.61 18.55 17.98
C LYS B 93 -23.07 18.17 18.19
N ASN B 94 -23.25 17.01 18.80
CA ASN B 94 -24.55 16.43 19.10
C ASN B 94 -24.63 16.18 20.59
N LYS B 95 -25.73 16.59 21.20
CA LYS B 95 -25.89 16.45 22.63
C LYS B 95 -26.52 15.12 23.03
N GLU B 96 -26.87 14.29 22.04
CA GLU B 96 -27.47 12.99 22.23
C GLU B 96 -26.70 11.97 21.39
N GLU B 97 -27.09 10.71 21.45
CA GLU B 97 -26.42 9.71 20.64
C GLU B 97 -26.96 9.73 19.21
N PRO B 98 -26.16 9.28 18.22
CA PRO B 98 -24.74 8.94 18.33
C PRO B 98 -23.88 10.20 18.40
N ARG B 99 -22.82 10.16 19.21
CA ARG B 99 -21.96 11.32 19.38
C ARG B 99 -20.67 11.21 18.58
N LYS B 100 -20.39 10.05 18.00
CA LYS B 100 -19.20 9.87 17.19
C LYS B 100 -19.41 8.70 16.25
N VAL B 101 -18.47 8.55 15.32
CA VAL B 101 -18.39 7.42 14.42
C VAL B 101 -16.91 7.11 14.21
N CYS B 102 -16.59 5.84 14.07
CA CYS B 102 -15.21 5.41 13.83
C CYS B 102 -15.10 4.72 12.49
N PHE B 103 -13.96 4.95 11.83
CA PHE B 103 -13.58 4.22 10.63
C PHE B 103 -12.21 3.61 10.84
N THR B 104 -12.04 2.38 10.36
CA THR B 104 -10.72 1.80 10.23
C THR B 104 -10.15 2.24 8.89
N TYR B 105 -9.02 2.94 8.93
CA TYR B 105 -8.42 3.50 7.73
C TYR B 105 -7.07 2.85 7.48
N ASP B 106 -6.84 2.44 6.23
CA ASP B 106 -5.55 1.89 5.84
C ASP B 106 -4.74 3.01 5.20
N LEU B 107 -3.69 3.44 5.89
CA LEU B 107 -2.74 4.41 5.33
C LEU B 107 -1.67 3.62 4.61
N PHE B 108 -1.83 3.46 3.30
CA PHE B 108 -0.89 2.68 2.50
C PHE B 108 0.00 3.59 1.69
N LEU B 109 1.26 3.19 1.54
CA LEU B 109 2.26 3.95 0.81
C LEU B 109 2.59 3.27 -0.52
N ASN B 110 3.16 4.08 -1.42
CA ASN B 110 3.73 3.62 -2.67
C ASN B 110 5.24 3.78 -2.56
N LEU B 111 5.95 2.66 -2.48
CA LEU B 111 7.40 2.71 -2.35
C LEU B 111 8.09 3.21 -3.60
N GLU B 112 7.38 3.36 -4.71
CA GLU B 112 7.98 3.79 -5.96
C GLU B 112 7.46 5.14 -6.44
N GLY B 113 6.77 5.89 -5.57
CA GLY B 113 6.25 7.19 -5.97
C GLY B 113 5.21 7.77 -5.02
N LYS B 114 4.13 8.28 -5.58
CA LYS B 114 3.09 8.96 -4.81
C LYS B 114 1.85 8.10 -4.69
N VAL B 115 0.98 8.51 -3.76
CA VAL B 115 -0.34 7.94 -3.58
C VAL B 115 -1.30 9.08 -3.32
N ASN B 116 -2.39 9.13 -4.08
CA ASN B 116 -3.52 9.99 -3.78
C ASN B 116 -4.74 9.10 -3.63
N HIS B 117 -5.31 9.05 -2.44
CA HIS B 117 -6.43 8.18 -2.16
C HIS B 117 -7.57 8.98 -1.56
N LEU B 118 -8.79 8.57 -1.88
CA LEU B 118 -9.98 9.22 -1.38
C LEU B 118 -11.05 8.15 -1.17
N ARG B 119 -11.88 8.36 -0.16
CA ARG B 119 -12.82 7.34 0.28
C ARG B 119 -14.03 8.04 0.88
N CYS B 120 -15.18 7.92 0.22
CA CYS B 120 -16.37 8.63 0.65
C CYS B 120 -17.21 7.78 1.59
N GLU B 121 -17.68 8.40 2.66
CA GLU B 121 -18.53 7.76 3.64
C GLU B 121 -19.76 8.64 3.85
N LYS B 122 -20.92 8.01 3.95
CA LYS B 122 -22.15 8.73 4.20
C LYS B 122 -22.72 8.32 5.54
N LEU B 123 -22.85 9.29 6.43
CA LEU B 123 -23.52 9.14 7.70
C LEU B 123 -25.00 9.44 7.53
N THR B 124 -25.83 8.71 8.28
CA THR B 124 -27.26 8.92 8.30
C THR B 124 -27.69 9.07 9.75
N PHE B 125 -28.43 10.13 10.05
CA PHE B 125 -28.88 10.41 11.40
C PHE B 125 -30.40 10.31 11.41
N ASN B 126 -30.93 9.39 12.21
CA ASN B 126 -32.38 9.23 12.28
C ASN B 126 -32.93 10.02 13.46
N ASN B 127 -34.00 10.75 13.19
CA ASN B 127 -34.64 11.65 14.13
C ASN B 127 -33.64 12.52 14.92
N PRO B 128 -32.84 13.32 14.24
CA PRO B 128 -31.94 14.24 14.95
C PRO B 128 -32.72 15.35 15.64
N THR B 129 -32.14 15.88 16.71
CA THR B 129 -32.72 17.01 17.42
C THR B 129 -32.76 18.23 16.51
N THR B 130 -33.61 19.19 16.86
CA THR B 130 -33.76 20.34 15.96
C THR B 130 -32.46 21.13 15.87
N GLU B 131 -31.76 21.33 16.99
CA GLU B 131 -30.51 22.09 16.90
C GLU B 131 -29.45 21.31 16.11
N PHE B 132 -29.39 19.99 16.28
CA PHE B 132 -28.41 19.23 15.50
C PHE B 132 -28.76 19.23 14.02
N ARG B 133 -30.04 19.09 13.68
CA ARG B 133 -30.43 19.05 12.27
C ARG B 133 -30.07 20.35 11.56
N TYR B 134 -30.21 21.49 12.25
CA TYR B 134 -29.74 22.75 11.69
C TYR B 134 -28.27 22.67 11.32
N LYS B 135 -27.45 22.09 12.21
CA LYS B 135 -26.02 21.95 11.95
C LYS B 135 -25.77 21.04 10.75
N LEU B 136 -26.43 19.89 10.72
CA LEU B 136 -26.28 18.97 9.61
C LEU B 136 -26.64 19.64 8.29
N LEU B 137 -27.72 20.43 8.28
CA LEU B 137 -28.20 20.99 7.02
C LEU B 137 -27.33 22.14 6.53
N ARG B 138 -26.83 22.99 7.44
CA ARG B 138 -25.87 24.02 7.03
C ARG B 138 -24.60 23.41 6.47
N ALA B 139 -24.23 22.22 6.95
CA ALA B 139 -23.09 21.49 6.40
C ALA B 139 -23.40 20.86 5.06
N GLY B 140 -24.57 21.10 4.50
CA GLY B 140 -24.93 20.51 3.22
C GLY B 140 -25.63 19.17 3.32
N GLY B 141 -26.12 18.80 4.50
CA GLY B 141 -26.86 17.58 4.65
C GLY B 141 -28.21 17.64 3.95
N VAL B 142 -28.82 16.47 3.78
CA VAL B 142 -30.01 16.31 2.97
C VAL B 142 -31.00 15.42 3.70
N MET B 143 -32.26 15.84 3.72
CA MET B 143 -33.32 14.98 4.23
C MET B 143 -33.64 13.89 3.22
N VAL B 144 -33.99 12.71 3.74
CA VAL B 144 -34.28 11.56 2.91
C VAL B 144 -35.71 11.11 3.16
N MET B 145 -36.36 10.61 2.11
CA MET B 145 -37.73 10.13 2.22
C MET B 145 -37.80 8.61 2.08
N CYS C 8 22.43 18.53 -27.87
CA CYS C 8 23.35 18.05 -26.84
C CYS C 8 22.91 16.71 -26.27
N THR C 9 23.71 15.66 -26.51
CA THR C 9 23.40 14.33 -26.00
C THR C 9 24.66 13.71 -25.42
N VAL C 10 24.52 13.09 -24.24
CA VAL C 10 25.63 12.49 -23.51
C VAL C 10 25.33 11.03 -23.26
N GLN C 11 26.30 10.17 -23.56
CA GLN C 11 26.20 8.75 -23.26
C GLN C 11 27.26 8.38 -22.22
N VAL C 12 26.89 7.49 -21.31
CA VAL C 12 27.75 7.08 -20.22
C VAL C 12 27.51 5.60 -19.96
N ARG C 13 28.55 4.90 -19.52
CA ARG C 13 28.55 3.44 -19.46
C ARG C 13 28.52 2.97 -18.02
N LEU C 14 27.62 2.02 -17.73
CA LEU C 14 27.55 1.34 -16.45
C LEU C 14 27.93 -0.12 -16.62
N GLU C 15 28.45 -0.72 -15.56
CA GLU C 15 28.67 -2.15 -15.51
C GLU C 15 27.93 -2.72 -14.31
N LEU C 16 27.04 -3.67 -14.59
CA LEU C 16 26.38 -4.49 -13.57
C LEU C 16 27.00 -5.86 -13.60
N GLY C 17 27.09 -6.50 -12.44
CA GLY C 17 27.67 -7.83 -12.42
C GLY C 17 27.51 -8.47 -11.06
N HIS C 18 27.93 -9.73 -11.00
CA HIS C 18 27.98 -10.41 -9.72
C HIS C 18 28.98 -11.55 -9.79
N ARG C 19 29.44 -11.95 -8.62
CA ARG C 19 30.20 -13.16 -8.42
C ARG C 19 29.49 -13.99 -7.38
N ALA C 20 29.52 -15.31 -7.54
CA ALA C 20 28.89 -16.21 -6.60
C ALA C 20 29.75 -17.46 -6.51
N GLN C 21 30.01 -17.92 -5.30
CA GLN C 21 30.81 -19.11 -5.13
C GLN C 21 30.14 -20.04 -4.13
N LEU C 22 30.23 -21.34 -4.43
CA LEU C 22 29.88 -22.39 -3.48
C LEU C 22 30.78 -22.31 -2.26
N ARG C 23 30.17 -22.36 -1.08
CA ARG C 23 30.93 -22.23 0.16
C ARG C 23 31.67 -23.52 0.50
N LYS C 24 32.79 -23.37 1.22
CA LYS C 24 33.50 -24.52 1.76
C LYS C 24 32.59 -25.35 2.66
N LYS C 25 31.99 -24.69 3.66
CA LYS C 25 31.05 -25.25 4.61
C LYS C 25 29.79 -24.39 4.62
N PRO C 26 28.61 -25.00 4.63
CA PRO C 26 27.39 -24.18 4.67
C PRO C 26 27.29 -23.38 5.96
N THR C 27 26.46 -22.34 5.94
CA THR C 27 26.16 -21.63 7.17
C THR C 27 25.05 -22.33 7.93
N THR C 28 24.78 -21.79 9.13
CA THR C 28 23.88 -22.35 10.13
C THR C 28 22.42 -22.39 9.69
N GLU C 29 22.07 -21.88 8.52
CA GLU C 29 20.74 -22.07 7.95
C GLU C 29 20.79 -22.85 6.65
N GLY C 30 21.96 -23.40 6.31
CA GLY C 30 22.10 -24.14 5.07
C GLY C 30 22.32 -23.30 3.85
N PHE C 31 22.89 -22.10 4.00
CA PHE C 31 23.22 -21.29 2.84
C PHE C 31 24.44 -21.88 2.17
N THR C 32 24.27 -22.33 0.92
CA THR C 32 25.33 -23.02 0.20
C THR C 32 26.30 -22.07 -0.48
N HIS C 33 25.88 -20.84 -0.76
CA HIS C 33 26.65 -19.92 -1.62
C HIS C 33 26.85 -18.59 -0.93
N ASP C 34 27.97 -17.94 -1.24
CA ASP C 34 28.20 -16.53 -1.01
C ASP C 34 28.08 -15.81 -2.35
N TRP C 35 27.34 -14.71 -2.39
CA TRP C 35 27.30 -13.93 -3.61
C TRP C 35 27.45 -12.45 -3.31
N MET C 36 27.86 -11.72 -4.35
CA MET C 36 28.01 -10.28 -4.31
C MET C 36 27.55 -9.72 -5.65
N VAL C 37 26.67 -8.74 -5.62
CA VAL C 37 26.19 -8.04 -6.80
C VAL C 37 26.64 -6.60 -6.71
N PHE C 38 26.93 -6.00 -7.86
CA PHE C 38 27.54 -4.67 -7.84
C PHE C 38 27.13 -3.87 -9.07
N VAL C 39 27.23 -2.55 -8.93
CA VAL C 39 27.10 -1.59 -10.02
C VAL C 39 28.34 -0.71 -9.99
N ARG C 40 29.04 -0.62 -11.11
CA ARG C 40 30.24 0.21 -11.20
C ARG C 40 30.38 0.72 -12.63
N GLY C 41 31.29 1.67 -12.80
CA GLY C 41 31.68 2.13 -14.11
C GLY C 41 32.79 1.29 -14.69
N PRO C 42 33.02 1.40 -16.00
CA PRO C 42 34.14 0.69 -16.62
C PRO C 42 35.47 1.26 -16.13
N GLU C 43 36.48 0.39 -16.11
CA GLU C 43 37.71 0.60 -15.35
C GLU C 43 38.20 2.01 -15.52
N GLN C 44 38.42 2.68 -14.38
CA GLN C 44 38.88 4.02 -14.00
C GLN C 44 37.71 5.02 -13.77
N CYS C 45 36.51 4.69 -14.22
CA CYS C 45 35.39 5.62 -14.16
C CYS C 45 34.69 5.50 -12.81
N ASP C 46 34.60 6.62 -12.11
CA ASP C 46 33.80 6.69 -10.90
C ASP C 46 32.43 7.26 -11.26
N ILE C 47 31.39 6.46 -11.09
CA ILE C 47 30.04 6.89 -11.39
C ILE C 47 29.42 7.69 -10.27
N GLN C 48 30.09 7.76 -9.10
CA GLN C 48 29.63 8.59 -7.99
C GLN C 48 29.33 10.01 -8.43
N HIS C 49 30.03 10.50 -9.46
CA HIS C 49 29.87 11.87 -9.89
C HIS C 49 28.43 12.18 -10.29
N PHE C 50 27.73 11.20 -10.87
CA PHE C 50 26.35 11.42 -11.27
C PHE C 50 25.36 10.45 -10.63
N VAL C 51 25.81 9.48 -9.85
CA VAL C 51 24.92 8.52 -9.19
C VAL C 51 24.71 8.96 -7.75
N GLU C 52 23.45 9.22 -7.38
CA GLU C 52 23.15 9.57 -6.00
C GLU C 52 23.11 8.35 -5.10
N LYS C 53 22.49 7.26 -5.57
CA LYS C 53 22.40 6.03 -4.80
C LYS C 53 21.94 4.90 -5.70
N VAL C 54 22.21 3.68 -5.25
CA VAL C 54 21.81 2.46 -5.95
C VAL C 54 20.99 1.61 -4.99
N VAL C 55 19.77 1.25 -5.41
CA VAL C 55 18.85 0.46 -4.61
C VAL C 55 18.82 -0.95 -5.18
N PHE C 56 19.15 -1.93 -4.35
CA PHE C 56 19.07 -3.34 -4.69
C PHE C 56 17.87 -3.94 -3.95
N TRP C 57 16.89 -4.47 -4.68
CA TRP C 57 15.70 -5.07 -4.07
C TRP C 57 15.94 -6.57 -3.92
N LEU C 58 16.21 -7.02 -2.70
CA LEU C 58 16.46 -8.43 -2.48
C LEU C 58 15.15 -9.18 -2.29
N HIS C 59 15.26 -10.51 -2.39
CA HIS C 59 14.15 -11.43 -2.15
C HIS C 59 13.53 -11.20 -0.78
N ASP C 60 12.26 -11.60 -0.62
CA ASP C 60 11.56 -11.34 0.64
C ASP C 60 12.20 -12.04 1.82
N SER C 61 12.90 -13.16 1.56
CA SER C 61 13.49 -13.93 2.65
C SER C 61 14.54 -13.13 3.40
N PHE C 62 15.08 -12.08 2.78
CA PHE C 62 16.23 -11.40 3.38
C PHE C 62 15.79 -10.34 4.38
N PRO C 63 16.61 -10.08 5.39
CA PRO C 63 16.32 -8.99 6.36
C PRO C 63 16.51 -7.63 5.71
N LYS C 64 15.54 -6.73 5.94
CA LYS C 64 15.39 -5.43 5.28
C LYS C 64 15.83 -5.52 3.83
N PRO C 65 14.93 -6.04 2.99
CA PRO C 65 15.29 -6.39 1.60
C PRO C 65 15.57 -5.21 0.69
N ARG C 66 15.19 -3.99 1.07
CA ARG C 66 15.51 -2.82 0.27
C ARG C 66 16.89 -2.32 0.70
N ARG C 67 17.91 -2.66 -0.08
CA ARG C 67 19.29 -2.33 0.22
C ARG C 67 19.70 -1.09 -0.56
N VAL C 68 20.22 -0.09 0.15
CA VAL C 68 20.62 1.17 -0.45
C VAL C 68 22.11 1.39 -0.18
N CYS C 69 22.83 1.78 -1.23
CA CYS C 69 24.21 2.25 -1.14
C CYS C 69 24.25 3.66 -1.69
N LYS C 70 24.62 4.63 -0.85
CA LYS C 70 24.78 5.98 -1.35
C LYS C 70 26.23 6.35 -1.60
N GLU C 71 27.17 5.44 -1.35
CA GLU C 71 28.59 5.66 -1.61
C GLU C 71 29.16 4.43 -2.29
N PRO C 72 30.14 4.61 -3.17
CA PRO C 72 30.90 3.46 -3.66
C PRO C 72 31.61 2.76 -2.53
N PRO C 73 31.74 1.43 -2.60
CA PRO C 73 31.26 0.61 -3.70
C PRO C 73 29.76 0.39 -3.60
N TYR C 74 29.09 0.31 -4.75
CA TYR C 74 27.66 0.05 -4.79
C TYR C 74 27.49 -1.46 -4.89
N LYS C 75 27.35 -2.12 -3.74
CA LYS C 75 27.37 -3.57 -3.71
C LYS C 75 26.49 -4.12 -2.60
N VAL C 76 26.03 -5.34 -2.80
CA VAL C 76 25.37 -6.14 -1.77
C VAL C 76 26.11 -7.46 -1.67
N GLU C 77 26.46 -7.86 -0.45
CA GLU C 77 27.14 -9.11 -0.18
C GLU C 77 26.27 -9.93 0.76
N GLU C 78 25.78 -11.07 0.29
CA GLU C 78 24.97 -11.95 1.11
C GLU C 78 25.34 -13.40 0.82
N SER C 79 24.68 -14.30 1.55
CA SER C 79 24.73 -15.73 1.30
C SER C 79 23.30 -16.22 1.05
N GLY C 80 23.21 -17.37 0.39
CA GLY C 80 21.90 -17.96 0.14
C GLY C 80 22.03 -19.26 -0.61
N TYR C 81 20.88 -19.84 -0.95
CA TYR C 81 20.85 -21.13 -1.59
C TYR C 81 20.35 -21.10 -3.04
N ALA C 82 19.70 -20.02 -3.47
CA ALA C 82 19.19 -19.97 -4.84
C ALA C 82 19.41 -18.59 -5.43
N GLY C 83 19.50 -18.55 -6.75
CA GLY C 83 19.48 -17.29 -7.47
C GLY C 83 18.06 -16.77 -7.59
N PHE C 84 17.96 -15.53 -8.08
CA PHE C 84 16.65 -14.88 -8.14
C PHE C 84 16.73 -13.65 -9.03
N ILE C 85 15.55 -13.19 -9.45
CA ILE C 85 15.44 -11.96 -10.23
C ILE C 85 15.48 -10.77 -9.27
N MET C 86 16.20 -9.73 -9.67
CA MET C 86 16.45 -8.65 -8.75
C MET C 86 16.35 -7.29 -9.44
N PRO C 87 15.37 -6.47 -9.08
CA PRO C 87 15.34 -5.11 -9.61
C PRO C 87 16.44 -4.27 -8.98
N ILE C 88 17.10 -3.48 -9.82
CA ILE C 88 18.14 -2.56 -9.37
C ILE C 88 17.80 -1.18 -9.90
N GLU C 89 17.81 -0.19 -9.00
CA GLU C 89 17.56 1.19 -9.37
C GLU C 89 18.82 2.01 -9.16
N VAL C 90 19.21 2.74 -10.20
CA VAL C 90 20.32 3.70 -10.11
C VAL C 90 19.69 5.08 -10.09
N HIS C 91 19.88 5.79 -8.98
CA HIS C 91 19.36 7.14 -8.84
C HIS C 91 20.43 8.15 -9.23
N PHE C 92 20.04 9.13 -10.04
CA PHE C 92 20.96 10.11 -10.60
C PHE C 92 21.00 11.37 -9.76
N LYS C 93 22.18 12.00 -9.73
CA LYS C 93 22.38 13.29 -9.09
C LYS C 93 21.92 14.40 -10.04
N ASN C 94 20.63 14.34 -10.35
CA ASN C 94 20.01 15.20 -11.35
C ASN C 94 18.70 15.69 -10.77
N LYS C 95 18.43 16.98 -10.89
CA LYS C 95 17.23 17.49 -10.24
C LYS C 95 16.01 17.45 -11.15
N GLU C 96 16.19 17.42 -12.47
CA GLU C 96 15.07 17.17 -13.37
C GLU C 96 15.10 15.74 -13.89
N GLU C 97 14.03 15.36 -14.58
CA GLU C 97 13.93 14.01 -15.13
C GLU C 97 14.95 13.83 -16.27
N PRO C 98 15.36 12.58 -16.54
CA PRO C 98 15.09 11.37 -15.75
C PRO C 98 15.91 11.38 -14.48
N ARG C 99 15.35 10.94 -13.37
CA ARG C 99 16.07 10.93 -12.10
C ARG C 99 16.59 9.54 -11.72
N LYS C 100 16.17 8.51 -12.44
CA LYS C 100 16.62 7.16 -12.12
C LYS C 100 16.49 6.27 -13.35
N VAL C 101 17.14 5.11 -13.27
CA VAL C 101 16.99 4.05 -14.26
C VAL C 101 16.85 2.74 -13.49
N CYS C 102 16.08 1.82 -14.06
CA CYS C 102 15.87 0.51 -13.46
C CYS C 102 16.30 -0.58 -14.42
N PHE C 103 16.92 -1.61 -13.86
CA PHE C 103 17.25 -2.83 -14.58
C PHE C 103 16.70 -4.00 -13.80
N THR C 104 16.20 -5.01 -14.50
CA THR C 104 15.89 -6.28 -13.85
C THR C 104 17.08 -7.20 -14.09
N TYR C 105 17.71 -7.61 -13.00
CA TYR C 105 18.97 -8.32 -13.04
C TYR C 105 18.76 -9.76 -12.57
N ASP C 106 19.36 -10.70 -13.28
CA ASP C 106 19.28 -12.11 -12.91
C ASP C 106 20.52 -12.49 -12.14
N LEU C 107 20.38 -12.65 -10.83
CA LEU C 107 21.46 -13.17 -10.00
C LEU C 107 21.42 -14.68 -10.07
N PHE C 108 22.06 -15.27 -11.08
CA PHE C 108 22.07 -16.71 -11.23
C PHE C 108 23.27 -17.31 -10.51
N LEU C 109 23.05 -18.48 -9.92
CA LEU C 109 24.09 -19.22 -9.22
C LEU C 109 24.54 -20.42 -10.04
N ASN C 110 25.80 -20.80 -9.83
CA ASN C 110 26.30 -22.10 -10.21
C ASN C 110 26.20 -22.99 -8.98
N LEU C 111 25.30 -23.98 -9.03
CA LEU C 111 25.15 -24.86 -7.88
C LEU C 111 26.36 -25.76 -7.67
N GLU C 112 27.27 -25.87 -8.64
CA GLU C 112 28.41 -26.75 -8.56
C GLU C 112 29.76 -26.02 -8.49
N GLY C 113 29.74 -24.68 -8.44
CA GLY C 113 31.01 -23.96 -8.43
C GLY C 113 30.86 -22.45 -8.35
N LYS C 114 31.69 -21.73 -9.11
CA LYS C 114 31.70 -20.27 -9.08
C LYS C 114 31.03 -19.69 -10.32
N VAL C 115 30.52 -18.48 -10.16
CA VAL C 115 29.96 -17.69 -11.25
C VAL C 115 30.60 -16.31 -11.21
N ASN C 116 30.99 -15.81 -12.38
CA ASN C 116 31.47 -14.45 -12.53
C ASN C 116 30.80 -13.87 -13.76
N HIS C 117 29.96 -12.85 -13.57
CA HIS C 117 29.19 -12.29 -14.66
C HIS C 117 29.31 -10.78 -14.68
N LEU C 118 29.37 -10.22 -15.88
CA LEU C 118 29.34 -8.78 -16.08
C LEU C 118 28.32 -8.46 -17.16
N ARG C 119 27.70 -7.28 -17.03
CA ARG C 119 26.63 -6.85 -17.91
C ARG C 119 26.80 -5.37 -18.17
N CYS C 120 26.93 -5.00 -19.44
CA CYS C 120 27.17 -3.62 -19.82
C CYS C 120 25.86 -2.96 -20.22
N GLU C 121 25.63 -1.77 -19.66
CA GLU C 121 24.48 -0.94 -20.01
C GLU C 121 24.99 0.44 -20.34
N LYS C 122 24.30 1.14 -21.22
CA LYS C 122 24.74 2.47 -21.64
C LYS C 122 23.55 3.42 -21.58
N LEU C 123 23.64 4.38 -20.66
CA LEU C 123 22.61 5.38 -20.48
C LEU C 123 22.80 6.50 -21.48
N THR C 124 21.69 7.03 -21.98
CA THR C 124 21.69 8.14 -22.91
C THR C 124 20.84 9.26 -22.33
N PHE C 125 21.44 10.41 -22.09
CA PHE C 125 20.73 11.58 -21.60
C PHE C 125 20.64 12.60 -22.71
N ASN C 126 19.45 13.13 -22.94
CA ASN C 126 19.24 14.14 -23.97
C ASN C 126 19.00 15.49 -23.31
N ASN C 127 19.86 16.44 -23.63
CA ASN C 127 19.83 17.81 -23.12
C ASN C 127 19.84 17.87 -21.60
N PRO C 128 20.88 17.37 -20.94
CA PRO C 128 20.96 17.54 -19.49
C PRO C 128 21.23 18.99 -19.13
N THR C 129 21.01 19.31 -17.86
CA THR C 129 21.45 20.59 -17.35
C THR C 129 22.97 20.71 -17.48
N THR C 130 23.45 21.94 -17.39
CA THR C 130 24.89 22.18 -17.38
C THR C 130 25.56 21.48 -16.21
N GLU C 131 25.00 21.65 -15.01
CA GLU C 131 25.58 21.04 -13.82
C GLU C 131 25.56 19.52 -13.92
N PHE C 132 24.52 18.94 -14.52
CA PHE C 132 24.47 17.49 -14.62
C PHE C 132 25.38 16.97 -15.72
N ARG C 133 25.45 17.66 -16.87
CA ARG C 133 26.36 17.22 -17.93
C ARG C 133 27.79 17.16 -17.43
N TYR C 134 28.17 18.12 -16.59
CA TYR C 134 29.53 18.11 -16.05
C TYR C 134 29.76 16.90 -15.16
N LYS C 135 28.74 16.50 -14.39
CA LYS C 135 28.84 15.26 -13.61
C LYS C 135 29.00 14.05 -14.52
N LEU C 136 28.29 14.04 -15.65
CA LEU C 136 28.37 12.92 -16.58
C LEU C 136 29.75 12.83 -17.22
N LEU C 137 30.29 13.96 -17.66
CA LEU C 137 31.60 13.97 -18.30
C LEU C 137 32.70 13.61 -17.32
N ARG C 138 32.56 14.04 -16.06
CA ARG C 138 33.52 13.65 -15.03
C ARG C 138 33.54 12.15 -14.80
N ALA C 139 32.47 11.43 -15.15
CA ALA C 139 32.35 10.00 -14.89
C ALA C 139 32.61 9.16 -16.14
N GLY C 140 33.30 9.70 -17.13
CA GLY C 140 33.55 8.99 -18.36
C GLY C 140 32.53 9.24 -19.46
N GLY C 141 31.61 10.18 -19.25
CA GLY C 141 30.58 10.44 -20.25
C GLY C 141 31.17 11.01 -21.52
N VAL C 142 30.45 10.79 -22.62
CA VAL C 142 30.91 11.15 -23.96
C VAL C 142 29.73 11.76 -24.71
N MET C 143 29.95 12.91 -25.32
CA MET C 143 28.91 13.54 -26.10
C MET C 143 28.90 12.98 -27.52
N VAL C 144 27.72 12.98 -28.14
CA VAL C 144 27.49 12.28 -29.39
C VAL C 144 27.03 13.28 -30.45
N MET C 145 27.49 13.08 -31.68
CA MET C 145 27.16 13.97 -32.80
C MET C 145 26.28 13.29 -33.85
N CYS D 8 -39.30 3.62 8.44
CA CYS D 8 -38.98 2.37 9.11
C CYS D 8 -37.54 2.35 9.58
N THR D 9 -37.31 2.39 10.90
CA THR D 9 -35.96 2.31 11.43
C THR D 9 -35.87 1.24 12.51
N VAL D 10 -34.89 0.36 12.35
CA VAL D 10 -34.66 -0.78 13.24
C VAL D 10 -33.45 -0.46 14.10
N GLN D 11 -33.51 -0.84 15.37
CA GLN D 11 -32.38 -0.74 16.27
C GLN D 11 -32.03 -2.12 16.78
N VAL D 12 -30.74 -2.34 17.04
CA VAL D 12 -30.24 -3.62 17.50
C VAL D 12 -29.03 -3.32 18.39
N ARG D 13 -28.75 -4.22 19.32
CA ARG D 13 -27.72 -3.96 20.30
C ARG D 13 -26.62 -5.01 20.25
N LEU D 14 -25.41 -4.52 20.53
CA LEU D 14 -24.18 -5.30 20.50
C LEU D 14 -23.46 -5.11 21.83
N GLU D 15 -22.87 -6.18 22.33
CA GLU D 15 -22.04 -6.14 23.52
C GLU D 15 -20.59 -6.34 23.09
N LEU D 16 -19.74 -5.37 23.40
CA LEU D 16 -18.31 -5.48 23.21
C LEU D 16 -17.66 -5.58 24.58
N GLY D 17 -16.74 -6.52 24.73
CA GLY D 17 -16.12 -6.67 26.03
C GLY D 17 -14.82 -7.41 25.98
N HIS D 18 -14.13 -7.39 27.12
CA HIS D 18 -12.92 -8.18 27.26
C HIS D 18 -12.74 -8.59 28.72
N ARG D 19 -11.98 -9.66 28.89
CA ARG D 19 -11.57 -10.18 30.19
C ARG D 19 -10.06 -10.36 30.13
N ALA D 20 -9.35 -9.84 31.13
CA ALA D 20 -7.91 -9.95 31.18
C ALA D 20 -7.49 -10.33 32.59
N GLN D 21 -6.63 -11.33 32.71
CA GLN D 21 -6.13 -11.76 34.00
C GLN D 21 -4.63 -11.97 33.91
N LEU D 22 -3.94 -11.52 34.95
CA LEU D 22 -2.51 -11.76 35.08
C LEU D 22 -2.27 -13.22 35.39
N ARG D 23 -1.34 -13.83 34.66
CA ARG D 23 -1.04 -15.25 34.81
C ARG D 23 -0.19 -15.47 36.04
N LYS D 24 -0.32 -16.67 36.61
CA LYS D 24 0.45 -16.97 37.78
C LYS D 24 1.92 -17.23 37.41
N LYS D 25 2.16 -17.95 36.31
CA LYS D 25 3.47 -18.13 35.74
C LYS D 25 3.49 -17.48 34.36
N PRO D 26 4.48 -16.65 34.04
CA PRO D 26 4.54 -16.05 32.70
C PRO D 26 4.89 -17.07 31.64
N THR D 27 4.57 -16.73 30.39
CA THR D 27 4.94 -17.56 29.25
C THR D 27 6.42 -17.41 28.95
N THR D 28 6.90 -18.29 28.06
CA THR D 28 8.30 -18.33 27.68
C THR D 28 8.77 -17.01 27.08
N GLU D 29 7.88 -16.28 26.40
CA GLU D 29 8.18 -14.98 25.83
C GLU D 29 8.15 -13.86 26.87
N GLY D 30 7.73 -14.14 28.08
CA GLY D 30 7.55 -13.12 29.09
C GLY D 30 6.20 -12.46 29.13
N PHE D 31 5.20 -13.03 28.45
CA PHE D 31 3.86 -12.47 28.50
C PHE D 31 3.27 -12.64 29.90
N THR D 32 2.85 -11.53 30.50
CA THR D 32 2.35 -11.50 31.86
C THR D 32 0.86 -11.71 31.96
N HIS D 33 0.13 -11.64 30.85
CA HIS D 33 -1.32 -11.57 30.89
C HIS D 33 -1.94 -12.50 29.88
N ASP D 34 -3.13 -12.99 30.23
CA ASP D 34 -4.02 -13.69 29.32
C ASP D 34 -5.23 -12.79 29.10
N TRP D 35 -5.60 -12.58 27.84
CA TRP D 35 -6.78 -11.78 27.59
C TRP D 35 -7.65 -12.42 26.52
N MET D 36 -8.90 -11.98 26.52
CA MET D 36 -9.95 -12.45 25.63
C MET D 36 -10.83 -11.25 25.34
N VAL D 37 -11.08 -10.98 24.06
CA VAL D 37 -11.96 -9.90 23.65
C VAL D 37 -13.02 -10.48 22.74
N PHE D 38 -14.25 -9.96 22.82
CA PHE D 38 -15.38 -10.57 22.15
C PHE D 38 -16.37 -9.52 21.69
N VAL D 39 -17.20 -9.92 20.72
CA VAL D 39 -18.41 -9.21 20.36
C VAL D 39 -19.57 -10.20 20.47
N ARG D 40 -20.62 -9.80 21.18
CA ARG D 40 -21.77 -10.66 21.42
C ARG D 40 -23.03 -9.82 21.41
N GLY D 41 -24.16 -10.52 21.35
CA GLY D 41 -25.45 -9.89 21.55
C GLY D 41 -25.86 -9.96 23.01
N PRO D 42 -26.83 -9.13 23.39
CA PRO D 42 -27.33 -9.18 24.77
C PRO D 42 -28.06 -10.48 25.03
N GLU D 43 -28.18 -10.82 26.32
CA GLU D 43 -28.54 -12.14 26.80
C GLU D 43 -29.61 -12.82 25.94
N GLN D 44 -29.22 -13.95 25.34
CA GLN D 44 -29.89 -14.92 24.46
C GLN D 44 -30.23 -14.39 23.07
N CYS D 45 -29.85 -13.17 22.71
CA CYS D 45 -29.92 -12.71 21.32
C CYS D 45 -28.71 -13.25 20.57
N ASP D 46 -28.96 -13.94 19.45
CA ASP D 46 -27.87 -14.39 18.58
C ASP D 46 -27.70 -13.39 17.45
N ILE D 47 -26.47 -12.87 17.32
CA ILE D 47 -26.19 -11.86 16.31
C ILE D 47 -25.74 -12.46 14.98
N GLN D 48 -25.55 -13.78 14.92
CA GLN D 48 -25.17 -14.43 13.66
C GLN D 48 -26.21 -14.25 12.57
N HIS D 49 -27.46 -13.91 12.95
CA HIS D 49 -28.51 -13.70 11.96
C HIS D 49 -28.15 -12.58 11.01
N PHE D 50 -27.52 -11.52 11.50
CA PHE D 50 -27.19 -10.38 10.65
C PHE D 50 -25.70 -10.09 10.54
N VAL D 51 -24.84 -10.90 11.14
CA VAL D 51 -23.40 -10.61 11.18
C VAL D 51 -22.67 -11.64 10.33
N GLU D 52 -22.03 -11.16 9.26
CA GLU D 52 -21.26 -12.07 8.41
C GLU D 52 -19.98 -12.51 9.11
N LYS D 53 -19.21 -11.56 9.61
CA LYS D 53 -17.95 -11.85 10.26
C LYS D 53 -17.56 -10.66 11.13
N VAL D 54 -16.62 -10.89 12.03
CA VAL D 54 -16.06 -9.82 12.84
C VAL D 54 -14.55 -9.86 12.71
N VAL D 55 -13.95 -8.71 12.41
CA VAL D 55 -12.51 -8.58 12.24
C VAL D 55 -11.94 -7.83 13.43
N PHE D 56 -10.93 -8.43 14.05
CA PHE D 56 -10.17 -7.84 15.14
C PHE D 56 -8.80 -7.47 14.61
N TRP D 57 -8.46 -6.20 14.63
CA TRP D 57 -7.13 -5.77 14.21
C TRP D 57 -6.20 -5.81 15.42
N LEU D 58 -5.33 -6.80 15.46
CA LEU D 58 -4.39 -6.92 16.56
C LEU D 58 -3.19 -6.02 16.33
N HIS D 59 -2.44 -5.84 17.41
CA HIS D 59 -1.17 -5.12 17.39
C HIS D 59 -0.17 -5.84 16.50
N ASP D 60 0.69 -5.07 15.83
CA ASP D 60 1.57 -5.62 14.80
C ASP D 60 2.55 -6.65 15.34
N SER D 61 2.80 -6.65 16.66
CA SER D 61 3.70 -7.63 17.24
C SER D 61 3.11 -9.04 17.13
N PHE D 62 1.79 -9.14 17.13
CA PHE D 62 1.14 -10.42 17.03
C PHE D 62 1.27 -10.99 15.62
N PRO D 63 1.49 -12.30 15.48
CA PRO D 63 1.49 -12.91 14.15
C PRO D 63 0.08 -12.93 13.59
N LYS D 64 -0.03 -12.75 12.29
CA LYS D 64 -1.32 -12.67 11.61
C LYS D 64 -2.23 -11.69 12.36
N PRO D 65 -1.92 -10.38 12.31
CA PRO D 65 -2.61 -9.43 13.20
C PRO D 65 -4.08 -9.24 12.89
N ARG D 66 -4.50 -9.52 11.66
CA ARG D 66 -5.90 -9.39 11.27
C ARG D 66 -6.60 -10.70 11.59
N ARG D 67 -7.39 -10.70 12.67
CA ARG D 67 -8.06 -11.89 13.16
C ARG D 67 -9.54 -11.84 12.77
N VAL D 68 -10.01 -12.92 12.14
CA VAL D 68 -11.35 -12.99 11.58
C VAL D 68 -12.10 -14.14 12.22
N CYS D 69 -13.35 -13.87 12.63
CA CYS D 69 -14.28 -14.89 13.09
C CYS D 69 -15.50 -14.85 12.17
N LYS D 70 -15.71 -15.92 11.41
CA LYS D 70 -16.91 -15.93 10.59
C LYS D 70 -18.11 -16.54 11.33
N GLU D 71 -17.90 -17.13 12.50
CA GLU D 71 -18.94 -17.83 13.24
C GLU D 71 -18.75 -17.58 14.73
N PRO D 72 -19.78 -17.83 15.54
CA PRO D 72 -19.64 -17.62 16.99
C PRO D 72 -18.76 -18.69 17.63
N PRO D 73 -18.16 -18.39 18.80
CA PRO D 73 -18.19 -17.07 19.43
C PRO D 73 -17.21 -16.14 18.72
N TYR D 74 -17.62 -14.90 18.50
CA TYR D 74 -16.75 -13.91 17.89
C TYR D 74 -15.78 -13.42 18.96
N LYS D 75 -14.57 -13.97 18.96
CA LYS D 75 -13.66 -13.69 20.06
C LYS D 75 -12.22 -13.92 19.61
N VAL D 76 -11.30 -13.27 20.33
CA VAL D 76 -9.87 -13.48 20.20
C VAL D 76 -9.30 -13.73 21.58
N GLU D 77 -8.47 -14.76 21.71
CA GLU D 77 -7.82 -15.13 22.96
C GLU D 77 -6.32 -15.10 22.76
N GLU D 78 -5.64 -14.25 23.51
CA GLU D 78 -4.19 -14.11 23.36
C GLU D 78 -3.55 -13.80 24.70
N SER D 79 -2.23 -13.75 24.68
CA SER D 79 -1.42 -13.37 25.82
C SER D 79 -0.51 -12.23 25.43
N GLY D 80 -0.24 -11.34 26.39
CA GLY D 80 0.58 -10.17 26.13
C GLY D 80 1.06 -9.56 27.42
N TYR D 81 1.85 -8.49 27.28
CA TYR D 81 2.36 -7.77 28.43
C TYR D 81 1.79 -6.37 28.56
N ALA D 82 0.97 -5.90 27.61
CA ALA D 82 0.50 -4.52 27.66
C ALA D 82 -0.83 -4.39 26.92
N GLY D 83 -1.59 -3.36 27.29
CA GLY D 83 -2.82 -3.07 26.60
C GLY D 83 -2.61 -2.25 25.35
N PHE D 84 -3.62 -2.26 24.48
CA PHE D 84 -3.51 -1.56 23.21
C PHE D 84 -4.89 -1.19 22.69
N ILE D 85 -4.88 -0.25 21.73
CA ILE D 85 -6.09 0.20 21.04
C ILE D 85 -6.35 -0.74 19.88
N MET D 86 -7.60 -1.17 19.72
CA MET D 86 -7.94 -2.23 18.78
C MET D 86 -9.12 -1.82 17.91
N PRO D 87 -8.94 -1.68 16.60
CA PRO D 87 -10.10 -1.52 15.72
C PRO D 87 -10.87 -2.82 15.66
N ILE D 88 -12.18 -2.73 15.75
CA ILE D 88 -13.06 -3.88 15.58
C ILE D 88 -14.04 -3.55 14.47
N GLU D 89 -14.18 -4.48 13.53
CA GLU D 89 -15.08 -4.35 12.40
C GLU D 89 -16.10 -5.46 12.44
N VAL D 90 -17.38 -5.10 12.42
CA VAL D 90 -18.46 -6.06 12.35
C VAL D 90 -19.07 -5.96 10.97
N HIS D 91 -18.99 -7.05 10.21
CA HIS D 91 -19.51 -7.09 8.86
C HIS D 91 -20.93 -7.64 8.88
N PHE D 92 -21.83 -6.97 8.17
CA PHE D 92 -23.23 -7.32 8.14
C PHE D 92 -23.53 -8.28 6.99
N LYS D 93 -24.61 -9.04 7.17
CA LYS D 93 -25.15 -9.90 6.12
C LYS D 93 -26.18 -9.13 5.29
N ASN D 94 -25.69 -8.06 4.68
CA ASN D 94 -26.50 -7.05 4.02
C ASN D 94 -25.85 -6.76 2.68
N LYS D 95 -26.63 -6.82 1.60
CA LYS D 95 -26.01 -6.58 0.30
C LYS D 95 -25.95 -5.08 -0.02
N GLU D 96 -26.87 -4.31 0.53
CA GLU D 96 -26.81 -2.86 0.47
C GLU D 96 -25.83 -2.34 1.52
N GLU D 97 -25.52 -1.03 1.44
CA GLU D 97 -24.81 -0.38 2.54
C GLU D 97 -25.81 0.14 3.56
N PRO D 98 -25.44 0.21 4.85
CA PRO D 98 -24.10 -0.05 5.40
C PRO D 98 -23.78 -1.54 5.50
N ARG D 99 -22.58 -1.91 5.07
CA ARG D 99 -22.15 -3.30 5.11
C ARG D 99 -21.30 -3.60 6.32
N LYS D 100 -20.90 -2.59 7.08
CA LYS D 100 -20.12 -2.83 8.29
C LYS D 100 -20.19 -1.61 9.21
N VAL D 101 -19.72 -1.81 10.43
CA VAL D 101 -19.55 -0.75 11.42
C VAL D 101 -18.21 -1.00 12.11
N CYS D 102 -17.59 0.08 12.57
CA CYS D 102 -16.27 0.00 13.19
C CYS D 102 -16.29 0.66 14.56
N PHE D 103 -15.53 0.07 15.48
CA PHE D 103 -15.35 0.63 16.80
C PHE D 103 -13.86 0.71 17.11
N THR D 104 -13.51 1.77 17.83
CA THR D 104 -12.21 1.90 18.46
C THR D 104 -12.33 1.25 19.83
N TYR D 105 -11.65 0.12 20.03
CA TYR D 105 -11.73 -0.58 21.30
C TYR D 105 -10.43 -0.45 22.07
N ASP D 106 -10.55 -0.11 23.35
CA ASP D 106 -9.40 -0.04 24.25
C ASP D 106 -9.37 -1.32 25.07
N LEU D 107 -8.41 -2.18 24.79
CA LEU D 107 -8.16 -3.38 25.56
C LEU D 107 -7.13 -3.02 26.61
N PHE D 108 -7.60 -2.68 27.81
CA PHE D 108 -6.73 -2.26 28.88
C PHE D 108 -6.53 -3.40 29.86
N LEU D 109 -5.31 -3.53 30.35
CA LEU D 109 -4.96 -4.54 31.33
C LEU D 109 -4.92 -3.93 32.72
N ASN D 110 -5.26 -4.74 33.71
CA ASN D 110 -4.97 -4.45 35.11
C ASN D 110 -3.64 -5.15 35.40
N LEU D 111 -2.60 -4.35 35.59
CA LEU D 111 -1.27 -4.91 35.77
C LEU D 111 -1.15 -5.66 37.10
N GLU D 112 -2.05 -5.42 38.04
CA GLU D 112 -2.02 -6.07 39.35
C GLU D 112 -3.14 -7.06 39.55
N GLY D 113 -3.91 -7.38 38.52
CA GLY D 113 -5.03 -8.28 38.74
C GLY D 113 -5.89 -8.59 37.52
N LYS D 114 -7.18 -8.73 37.75
CA LYS D 114 -8.15 -9.07 36.73
C LYS D 114 -8.87 -7.84 36.22
N VAL D 115 -9.38 -7.93 34.99
CA VAL D 115 -10.18 -6.89 34.36
C VAL D 115 -11.39 -7.57 33.72
N ASN D 116 -12.57 -6.99 33.92
CA ASN D 116 -13.81 -7.47 33.31
C ASN D 116 -14.56 -6.26 32.77
N HIS D 117 -14.74 -6.19 31.46
CA HIS D 117 -15.33 -4.99 30.87
C HIS D 117 -16.41 -5.32 29.87
N LEU D 118 -17.43 -4.46 29.85
CA LEU D 118 -18.54 -4.53 28.92
C LEU D 118 -18.83 -3.16 28.38
N ARG D 119 -18.96 -3.06 27.07
CA ARG D 119 -19.29 -1.83 26.37
C ARG D 119 -20.51 -2.08 25.50
N CYS D 120 -21.52 -1.24 25.64
CA CYS D 120 -22.78 -1.41 24.95
C CYS D 120 -22.86 -0.45 23.77
N GLU D 121 -23.09 -1.00 22.58
CA GLU D 121 -23.27 -0.23 21.36
C GLU D 121 -24.60 -0.62 20.74
N LYS D 122 -25.38 0.37 20.30
CA LYS D 122 -26.65 0.11 19.64
C LYS D 122 -26.61 0.62 18.21
N LEU D 123 -26.94 -0.26 17.27
CA LEU D 123 -26.90 0.00 15.84
C LEU D 123 -28.29 0.37 15.33
N THR D 124 -28.38 1.47 14.59
CA THR D 124 -29.63 1.99 14.03
C THR D 124 -29.56 1.94 12.50
N PHE D 125 -30.46 1.17 11.89
CA PHE D 125 -30.52 1.01 10.43
C PHE D 125 -31.81 1.61 9.90
N ASN D 126 -31.71 2.64 9.06
CA ASN D 126 -32.92 3.16 8.41
C ASN D 126 -33.17 2.50 7.07
N ASN D 127 -34.45 2.19 6.84
CA ASN D 127 -34.95 1.54 5.65
C ASN D 127 -34.10 0.36 5.12
N PRO D 128 -33.92 -0.67 5.94
CA PRO D 128 -33.22 -1.88 5.46
C PRO D 128 -34.03 -2.67 4.46
N THR D 129 -33.34 -3.46 3.63
CA THR D 129 -34.01 -4.45 2.79
C THR D 129 -34.75 -5.45 3.66
N THR D 130 -35.91 -5.90 3.17
CA THR D 130 -36.72 -6.80 3.99
C THR D 130 -35.98 -8.09 4.30
N GLU D 131 -35.24 -8.64 3.32
CA GLU D 131 -34.49 -9.86 3.62
C GLU D 131 -33.40 -9.61 4.67
N PHE D 132 -32.96 -8.35 4.82
CA PHE D 132 -32.07 -7.97 5.91
C PHE D 132 -32.79 -7.56 7.17
N ARG D 133 -34.03 -7.04 7.07
CA ARG D 133 -34.77 -6.76 8.28
C ARG D 133 -35.30 -8.02 8.94
N TYR D 134 -35.52 -9.09 8.17
CA TYR D 134 -35.78 -10.38 8.78
C TYR D 134 -34.63 -10.80 9.68
N LYS D 135 -33.39 -10.58 9.22
CA LYS D 135 -32.23 -10.99 10.00
C LYS D 135 -32.05 -10.14 11.25
N LEU D 136 -32.36 -8.84 11.16
CA LEU D 136 -32.24 -7.98 12.32
C LEU D 136 -33.26 -8.36 13.40
N LEU D 137 -34.51 -8.55 12.99
CA LEU D 137 -35.57 -8.84 13.97
C LEU D 137 -35.32 -10.16 14.68
N ARG D 138 -34.76 -11.13 13.99
CA ARG D 138 -34.64 -12.40 14.65
C ARG D 138 -33.34 -12.53 15.41
N ALA D 139 -32.57 -11.45 15.47
CA ALA D 139 -31.45 -11.30 16.37
C ALA D 139 -31.75 -10.28 17.47
N GLY D 140 -33.02 -10.03 17.75
CA GLY D 140 -33.39 -9.06 18.76
C GLY D 140 -33.63 -7.65 18.26
N GLY D 141 -33.89 -7.48 16.96
CA GLY D 141 -34.13 -6.15 16.42
C GLY D 141 -35.43 -5.56 16.92
N VAL D 142 -35.48 -4.23 16.96
CA VAL D 142 -36.57 -3.48 17.58
C VAL D 142 -36.90 -2.31 16.67
N MET D 143 -38.06 -2.35 16.03
CA MET D 143 -38.43 -1.22 15.20
C MET D 143 -38.98 -0.10 16.07
N VAL D 144 -39.09 1.08 15.47
CA VAL D 144 -39.29 2.31 16.23
C VAL D 144 -40.54 3.05 15.73
#